data_1MF0
#
_entry.id   1MF0
#
_cell.length_a   70.600
_cell.length_b   70.600
_cell.length_c   198.390
_cell.angle_alpha   90.00
_cell.angle_beta   90.00
_cell.angle_gamma   90.00
#
_symmetry.space_group_name_H-M   'P 43 21 2'
#
loop_
_entity.id
_entity.type
_entity.pdbx_description
1 polymer 'Adenylosuccinate Synthetase'
2 non-polymer 'MAGNESIUM ION'
3 non-polymer 'PHOSPHATE ION'
4 non-polymer 'ADENOSINE MONOPHOSPHATE'
5 non-polymer "GUANOSINE-5'-DIPHOSPHATE"
6 water water
#
_entity_poly.entity_id   1
_entity_poly.type   'polypeptide(L)'
_entity_poly.pdbx_seq_one_letter_code
;MSGTRASNDRPPGTGGVKRGRLQQEAAATGSRVTVVLGAQWGDEGKGKVVDLLATDADIVSRCQGGNNAGHTVVVDGKEY
DFHLLPSGIINTKAVSFIGNGVVIHLPGLFEEAEKNEKKGLKDWEKRLIISDRAHLVFDFHQAVDGLQEVQRQAQEGKNI
GTTKKGIGPTYSSKAARTGLRICDLLSDFDEFSARFKNLAHQHQSMFPTLEIDVEGQLKRLKGFAERIRPMVRDGVYFMY
EALHGPPKKVLVEGANAALLDIDFGTYPFVTSSNCTVGGVCTGLGIPPQNIGDVYGVVKAYTTRVGIGAFPTEQINEIGD
LLQNRGHEWGVTTGRKRRCGWLDLMILRYAHMVNGFTALALTKLDILDVLSEIKVGISYKLNGKRIPYFPANQEILQKVE
VEYETLPGWKADTTGARKWEDLPPQAQSYVRFVENHMGVAVKWVGVGKSRESMIQLF
;
_entity_poly.pdbx_strand_id   A
#
loop_
_chem_comp.id
_chem_comp.type
_chem_comp.name
_chem_comp.formula
AMP non-polymer 'ADENOSINE MONOPHOSPHATE' 'C10 H14 N5 O7 P'
GDP RNA linking GUANOSINE-5'-DIPHOSPHATE 'C10 H15 N5 O11 P2'
MG non-polymer 'MAGNESIUM ION' 'Mg 2'
PO4 non-polymer 'PHOSPHATE ION' 'O4 P -3'
#
# COMPACT_ATOMS: atom_id res chain seq x y z
N ALA A 27 4.18 -19.72 -22.80
CA ALA A 27 4.01 -21.14 -22.35
C ALA A 27 5.24 -21.63 -21.59
N ALA A 28 6.42 -21.38 -22.14
CA ALA A 28 7.67 -21.78 -21.48
C ALA A 28 7.92 -20.81 -20.33
N THR A 29 7.66 -19.54 -20.59
CA THR A 29 7.81 -18.49 -19.59
C THR A 29 6.96 -18.84 -18.38
N GLY A 30 5.66 -19.05 -18.63
CA GLY A 30 4.74 -19.40 -17.57
C GLY A 30 3.51 -18.53 -17.59
N SER A 31 2.69 -18.59 -16.54
CA SER A 31 1.51 -17.76 -16.51
C SER A 31 1.94 -16.41 -15.91
N ARG A 32 1.47 -15.32 -16.49
CA ARG A 32 1.84 -14.00 -16.01
C ARG A 32 0.95 -13.47 -14.90
N VAL A 33 1.60 -12.72 -14.01
CA VAL A 33 0.98 -12.12 -12.84
C VAL A 33 0.38 -10.73 -13.11
N THR A 34 -0.77 -10.44 -12.51
CA THR A 34 -1.41 -9.11 -12.65
C THR A 34 -1.08 -8.33 -11.40
N VAL A 35 -0.63 -7.08 -11.56
CA VAL A 35 -0.23 -6.26 -10.43
C VAL A 35 -1.07 -5.02 -10.23
N VAL A 36 -1.35 -4.70 -8.97
CA VAL A 36 -2.10 -3.49 -8.62
C VAL A 36 -1.22 -2.66 -7.69
N LEU A 37 -0.83 -1.46 -8.13
CA LEU A 37 0.07 -0.61 -7.33
C LEU A 37 -0.47 0.80 -7.11
N GLY A 38 0.14 1.48 -6.13
CA GLY A 38 -0.25 2.84 -5.80
C GLY A 38 0.61 3.85 -6.55
N ALA A 39 -0.05 4.82 -7.16
CA ALA A 39 0.65 5.84 -7.94
C ALA A 39 0.94 7.15 -7.20
N GLN A 40 0.34 7.34 -6.03
CA GLN A 40 0.56 8.59 -5.31
C GLN A 40 1.22 8.35 -3.96
N TRP A 41 0.53 8.68 -2.87
CA TRP A 41 1.07 8.47 -1.54
C TRP A 41 0.18 7.53 -0.74
N GLY A 42 -0.22 6.42 -1.37
CA GLY A 42 -1.04 5.44 -0.70
C GLY A 42 -2.49 5.79 -0.57
N ASP A 43 -3.27 4.81 -0.11
CA ASP A 43 -4.71 4.93 0.07
C ASP A 43 -5.42 5.43 -1.16
N GLU A 44 -4.96 4.96 -2.32
CA GLU A 44 -5.56 5.34 -3.58
C GLU A 44 -6.78 4.48 -3.87
N GLY A 45 -6.89 3.36 -3.16
CA GLY A 45 -8.02 2.48 -3.37
C GLY A 45 -7.61 1.13 -3.89
N LYS A 46 -6.38 0.73 -3.55
CA LYS A 46 -5.84 -0.55 -3.99
C LYS A 46 -6.70 -1.71 -3.47
N GLY A 47 -7.12 -1.64 -2.21
CA GLY A 47 -7.94 -2.70 -1.67
C GLY A 47 -9.21 -2.88 -2.48
N LYS A 48 -9.75 -1.78 -2.98
CA LYS A 48 -10.95 -1.81 -3.78
C LYS A 48 -10.66 -2.46 -5.13
N VAL A 49 -9.61 -2.00 -5.80
CA VAL A 49 -9.29 -2.56 -7.10
C VAL A 49 -8.91 -4.02 -7.00
N VAL A 50 -8.08 -4.37 -6.01
CA VAL A 50 -7.69 -5.76 -5.81
C VAL A 50 -8.90 -6.67 -5.62
N ASP A 51 -9.85 -6.24 -4.80
CA ASP A 51 -11.05 -7.05 -4.55
C ASP A 51 -11.85 -7.33 -5.83
N LEU A 52 -11.99 -6.31 -6.67
CA LEU A 52 -12.72 -6.47 -7.91
C LEU A 52 -12.06 -7.52 -8.80
N LEU A 53 -10.73 -7.49 -8.90
CA LEU A 53 -9.98 -8.43 -9.73
C LEU A 53 -9.80 -9.78 -9.06
N ALA A 54 -9.98 -9.82 -7.74
CA ALA A 54 -9.81 -11.06 -6.99
C ALA A 54 -10.94 -12.06 -7.20
N THR A 55 -12.17 -11.58 -7.41
CA THR A 55 -13.32 -12.46 -7.62
C THR A 55 -12.93 -13.63 -8.50
N ASP A 56 -12.15 -13.33 -9.54
CA ASP A 56 -11.67 -14.32 -10.49
C ASP A 56 -10.47 -15.12 -9.94
N ALA A 57 -9.44 -14.38 -9.58
CA ALA A 57 -8.16 -14.89 -9.06
C ALA A 57 -8.09 -16.24 -8.36
N ASP A 58 -6.99 -16.96 -8.65
CA ASP A 58 -6.71 -18.25 -8.03
C ASP A 58 -5.86 -17.93 -6.80
N ILE A 59 -4.98 -16.93 -6.96
CA ILE A 59 -4.11 -16.52 -5.88
C ILE A 59 -4.01 -15.01 -5.83
N VAL A 60 -4.11 -14.47 -4.62
CA VAL A 60 -3.97 -13.03 -4.40
C VAL A 60 -2.87 -12.95 -3.36
N SER A 61 -1.89 -12.08 -3.58
CA SER A 61 -0.80 -11.99 -2.63
C SER A 61 -0.25 -10.61 -2.39
N ARG A 62 0.51 -10.50 -1.32
CA ARG A 62 1.15 -9.25 -0.92
C ARG A 62 2.64 -9.48 -1.10
N CYS A 63 3.38 -8.43 -1.44
CA CYS A 63 4.80 -8.61 -1.64
C CYS A 63 5.67 -7.72 -0.76
N GLN A 64 5.10 -6.64 -0.23
CA GLN A 64 5.87 -5.72 0.58
C GLN A 64 5.04 -5.04 1.66
N GLY A 65 5.74 -4.46 2.64
CA GLY A 65 5.09 -3.78 3.73
C GLY A 65 4.68 -4.69 4.88
N GLY A 66 3.86 -4.16 5.77
CA GLY A 66 3.36 -4.92 6.91
C GLY A 66 1.95 -4.49 7.22
N ASN A 67 1.54 -4.51 8.48
CA ASN A 67 0.18 -4.08 8.78
C ASN A 67 0.10 -2.56 8.80
N ASN A 68 1.17 -1.89 8.39
CA ASN A 68 1.12 -0.43 8.36
C ASN A 68 0.14 -0.09 7.25
N ALA A 69 0.01 -1.01 6.30
CA ALA A 69 -0.91 -0.85 5.19
C ALA A 69 -2.34 -0.87 5.69
N GLY A 70 -3.25 -0.32 4.91
CA GLY A 70 -4.65 -0.29 5.29
C GLY A 70 -5.52 -0.33 4.05
N HIS A 71 -5.99 -1.52 3.70
CA HIS A 71 -6.81 -1.69 2.52
C HIS A 71 -8.26 -1.99 2.86
N THR A 72 -9.12 -1.06 2.47
CA THR A 72 -10.56 -1.14 2.69
C THR A 72 -11.31 -1.75 1.53
N VAL A 73 -12.13 -2.75 1.82
CA VAL A 73 -12.93 -3.41 0.79
C VAL A 73 -14.38 -3.29 1.20
N VAL A 74 -15.24 -3.02 0.22
CA VAL A 74 -16.67 -2.92 0.49
C VAL A 74 -17.48 -3.71 -0.53
N VAL A 75 -18.03 -4.84 -0.09
CA VAL A 75 -18.84 -5.68 -0.96
C VAL A 75 -20.11 -6.19 -0.27
N ASP A 76 -21.21 -6.19 -1.02
CA ASP A 76 -22.51 -6.66 -0.56
C ASP A 76 -22.91 -6.19 0.84
N GLY A 77 -22.65 -4.92 1.15
CA GLY A 77 -23.04 -4.42 2.46
C GLY A 77 -22.01 -4.46 3.56
N LYS A 78 -21.00 -5.31 3.45
CA LYS A 78 -19.97 -5.38 4.50
C LYS A 78 -18.73 -4.58 4.12
N GLU A 79 -18.09 -3.99 5.12
CA GLU A 79 -16.89 -3.20 4.93
C GLU A 79 -15.73 -3.79 5.72
N TYR A 80 -14.63 -4.08 5.02
CA TYR A 80 -13.46 -4.68 5.64
C TYR A 80 -12.26 -3.74 5.56
N ASP A 81 -11.27 -4.01 6.41
CA ASP A 81 -10.05 -3.23 6.39
C ASP A 81 -8.90 -4.18 6.76
N PHE A 82 -8.21 -4.64 5.73
CA PHE A 82 -7.09 -5.56 5.88
C PHE A 82 -5.79 -4.80 6.00
N HIS A 83 -4.77 -5.46 6.54
CA HIS A 83 -3.48 -4.84 6.73
C HIS A 83 -2.35 -5.81 6.37
N LEU A 84 -2.51 -7.07 6.76
CA LEU A 84 -1.52 -8.10 6.43
C LEU A 84 -2.22 -9.08 5.52
N LEU A 85 -3.49 -9.35 5.82
CA LEU A 85 -4.28 -10.28 5.03
C LEU A 85 -4.50 -9.76 3.63
N PRO A 86 -4.19 -10.57 2.63
CA PRO A 86 -4.41 -10.12 1.25
C PRO A 86 -5.90 -9.83 1.14
N SER A 87 -6.25 -8.79 0.40
CA SER A 87 -7.65 -8.41 0.26
C SER A 87 -8.51 -9.49 -0.38
N GLY A 88 -7.87 -10.47 -1.02
CA GLY A 88 -8.63 -11.53 -1.66
C GLY A 88 -9.04 -12.59 -0.64
N ILE A 89 -8.61 -12.41 0.60
CA ILE A 89 -8.91 -13.37 1.66
C ILE A 89 -10.40 -13.66 1.69
N ILE A 90 -11.19 -12.67 1.32
CA ILE A 90 -12.64 -12.75 1.27
C ILE A 90 -13.12 -13.86 0.35
N ASN A 91 -12.34 -14.13 -0.68
CA ASN A 91 -12.66 -15.16 -1.67
C ASN A 91 -12.32 -16.54 -1.09
N THR A 92 -13.34 -17.40 -0.95
CA THR A 92 -13.13 -18.74 -0.40
C THR A 92 -12.51 -19.67 -1.46
N LYS A 93 -12.82 -19.38 -2.73
CA LYS A 93 -12.32 -20.16 -3.86
C LYS A 93 -10.91 -19.74 -4.29
N ALA A 94 -10.18 -19.06 -3.40
CA ALA A 94 -8.83 -18.60 -3.73
C ALA A 94 -7.90 -18.64 -2.53
N VAL A 95 -6.62 -18.80 -2.80
CA VAL A 95 -5.63 -18.86 -1.75
C VAL A 95 -4.98 -17.50 -1.62
N SER A 96 -4.75 -17.06 -0.40
CA SER A 96 -4.13 -15.77 -0.16
C SER A 96 -2.68 -15.98 0.24
N PHE A 97 -1.78 -15.23 -0.39
CA PHE A 97 -0.36 -15.39 -0.14
C PHE A 97 0.37 -14.17 0.42
N ILE A 98 1.31 -14.44 1.30
CA ILE A 98 2.13 -13.40 1.90
C ILE A 98 3.59 -13.73 1.57
N GLY A 99 4.15 -13.00 0.61
CA GLY A 99 5.51 -13.21 0.16
C GLY A 99 6.62 -12.86 1.13
N ASN A 100 7.83 -13.29 0.78
CA ASN A 100 9.02 -13.07 1.57
C ASN A 100 9.35 -11.60 1.81
N GLY A 101 8.94 -10.74 0.90
CA GLY A 101 9.25 -9.32 1.03
C GLY A 101 8.57 -8.61 2.19
N VAL A 102 7.42 -9.14 2.60
CA VAL A 102 6.60 -8.61 3.68
C VAL A 102 7.24 -8.80 5.06
N VAL A 103 6.85 -7.94 6.00
CA VAL A 103 7.32 -8.02 7.38
C VAL A 103 6.07 -8.25 8.22
N ILE A 104 6.06 -9.36 8.95
CA ILE A 104 4.89 -9.74 9.73
C ILE A 104 4.99 -9.61 11.25
N HIS A 105 3.95 -9.00 11.83
CA HIS A 105 3.85 -8.84 13.28
C HIS A 105 2.75 -9.82 13.73
N LEU A 106 3.16 -11.03 14.10
CA LEU A 106 2.23 -12.09 14.53
C LEU A 106 1.01 -11.64 15.33
N PRO A 107 1.22 -11.03 16.49
CA PRO A 107 0.05 -10.59 17.25
C PRO A 107 -0.88 -9.78 16.35
N GLY A 108 -0.30 -8.79 15.67
CA GLY A 108 -1.08 -7.97 14.77
C GLY A 108 -1.82 -8.79 13.73
N LEU A 109 -1.19 -9.84 13.22
CA LEU A 109 -1.82 -10.67 12.19
C LEU A 109 -3.12 -11.28 12.72
N PHE A 110 -3.00 -12.01 13.82
CA PHE A 110 -4.14 -12.67 14.42
C PHE A 110 -5.19 -11.69 14.91
N GLU A 111 -4.72 -10.58 15.47
CA GLU A 111 -5.62 -9.54 15.95
C GLU A 111 -6.55 -9.18 14.78
N GLU A 112 -5.94 -8.99 13.61
CA GLU A 112 -6.66 -8.64 12.39
C GLU A 112 -7.64 -9.73 11.96
N ALA A 113 -7.19 -10.98 12.02
CA ALA A 113 -8.02 -12.12 11.64
C ALA A 113 -9.23 -12.20 12.54
N GLU A 114 -8.99 -12.13 13.85
CA GLU A 114 -10.07 -12.19 14.83
C GLU A 114 -11.08 -11.11 14.45
N LYS A 115 -10.60 -9.88 14.38
CA LYS A 115 -11.42 -8.72 14.04
C LYS A 115 -12.34 -9.01 12.86
N ASN A 116 -11.80 -9.67 11.84
CA ASN A 116 -12.56 -10.03 10.64
C ASN A 116 -13.39 -11.31 10.80
N GLU A 117 -12.95 -12.23 11.65
CA GLU A 117 -13.72 -13.45 11.87
C GLU A 117 -15.07 -13.01 12.43
N LYS A 118 -15.02 -12.19 13.48
CA LYS A 118 -16.23 -11.66 14.11
C LYS A 118 -16.93 -10.71 13.15
N LYS A 119 -16.81 -11.01 11.86
CA LYS A 119 -17.42 -10.18 10.83
C LYS A 119 -17.86 -11.07 9.67
N GLY A 120 -17.62 -12.37 9.79
CA GLY A 120 -18.01 -13.31 8.75
C GLY A 120 -16.89 -14.14 8.15
N LEU A 121 -15.66 -13.68 8.31
CA LEU A 121 -14.49 -14.39 7.77
C LEU A 121 -14.35 -15.76 8.43
N LYS A 122 -14.46 -16.82 7.63
CA LYS A 122 -14.31 -18.17 8.18
C LYS A 122 -13.40 -19.08 7.37
N ASP A 123 -12.63 -19.90 8.08
CA ASP A 123 -11.70 -20.85 7.49
C ASP A 123 -10.57 -20.17 6.71
N TRP A 124 -10.31 -18.90 6.99
CA TRP A 124 -9.25 -18.18 6.29
C TRP A 124 -7.93 -18.95 6.39
N GLU A 125 -7.67 -19.52 7.56
CA GLU A 125 -6.46 -20.29 7.77
C GLU A 125 -6.22 -21.34 6.68
N LYS A 126 -7.30 -21.98 6.23
CA LYS A 126 -7.20 -23.01 5.20
C LYS A 126 -6.86 -22.42 3.83
N ARG A 127 -7.01 -21.10 3.68
CA ARG A 127 -6.70 -20.47 2.41
C ARG A 127 -5.63 -19.37 2.51
N LEU A 128 -4.83 -19.39 3.59
CA LEU A 128 -3.75 -18.42 3.75
C LEU A 128 -2.41 -19.16 3.78
N ILE A 129 -1.42 -18.60 3.09
CA ILE A 129 -0.09 -19.20 3.04
C ILE A 129 0.97 -18.15 3.35
N ILE A 130 1.86 -18.46 4.27
CA ILE A 130 2.92 -17.54 4.64
C ILE A 130 4.25 -18.01 4.09
N SER A 131 4.93 -17.15 3.34
CA SER A 131 6.23 -17.48 2.78
C SER A 131 7.17 -17.62 3.98
N ASP A 132 7.90 -18.73 4.04
CA ASP A 132 8.78 -18.97 5.17
C ASP A 132 10.03 -18.08 5.20
N ARG A 133 10.16 -17.18 4.24
CA ARG A 133 11.33 -16.31 4.21
C ARG A 133 11.05 -14.87 4.66
N ALA A 134 9.79 -14.57 4.93
CA ALA A 134 9.41 -13.23 5.38
C ALA A 134 9.93 -12.94 6.81
N HIS A 135 10.25 -11.68 7.07
CA HIS A 135 10.76 -11.27 8.37
C HIS A 135 9.66 -10.98 9.40
N LEU A 136 10.04 -11.05 10.67
CA LEU A 136 9.10 -10.82 11.78
C LEU A 136 9.21 -9.47 12.46
N VAL A 137 8.08 -8.78 12.62
CA VAL A 137 8.09 -7.53 13.33
C VAL A 137 7.90 -7.89 14.79
N PHE A 138 8.95 -7.72 15.60
CA PHE A 138 8.87 -8.04 17.01
C PHE A 138 8.30 -6.87 17.81
N ASP A 139 7.64 -7.21 18.92
CA ASP A 139 7.04 -6.19 19.77
C ASP A 139 7.92 -4.99 19.96
N PHE A 140 9.21 -5.19 20.22
CA PHE A 140 10.08 -4.05 20.44
C PHE A 140 10.31 -3.21 19.20
N HIS A 141 10.20 -3.83 18.02
CA HIS A 141 10.36 -3.08 16.79
C HIS A 141 9.32 -1.97 16.80
N GLN A 142 8.08 -2.32 17.11
CA GLN A 142 6.99 -1.35 17.15
C GLN A 142 7.28 -0.32 18.23
N ALA A 143 7.92 -0.77 19.31
CA ALA A 143 8.22 0.11 20.42
C ALA A 143 9.28 1.15 20.05
N VAL A 144 10.42 0.69 19.58
CA VAL A 144 11.48 1.62 19.20
C VAL A 144 11.04 2.55 18.06
N ASP A 145 10.08 2.10 17.27
CA ASP A 145 9.57 2.91 16.16
C ASP A 145 9.01 4.18 16.77
N GLY A 146 8.15 4.00 17.78
CA GLY A 146 7.55 5.14 18.46
C GLY A 146 8.64 5.95 19.14
N LEU A 147 9.55 5.26 19.83
CA LEU A 147 10.65 5.94 20.50
C LEU A 147 11.39 6.80 19.48
N GLN A 148 11.66 6.24 18.31
CA GLN A 148 12.37 6.93 17.25
C GLN A 148 11.67 8.19 16.77
N GLU A 149 10.34 8.16 16.74
CA GLU A 149 9.54 9.29 16.28
C GLU A 149 9.55 10.46 17.27
N VAL A 150 9.22 10.17 18.52
CA VAL A 150 9.20 11.19 19.56
C VAL A 150 10.60 11.79 19.69
N GLN A 151 11.59 10.92 19.58
CA GLN A 151 12.98 11.34 19.68
C GLN A 151 13.30 12.31 18.54
N ARG A 152 12.64 12.15 17.40
CA ARG A 152 12.88 13.04 16.27
C ARG A 152 12.15 14.36 16.47
N GLN A 153 10.98 14.30 17.09
CA GLN A 153 10.19 15.50 17.37
C GLN A 153 10.84 16.35 18.43
N ALA A 154 11.13 15.74 19.58
CA ALA A 154 11.76 16.44 20.70
C ALA A 154 13.07 17.11 20.30
N GLN A 155 13.59 16.76 19.14
CA GLN A 155 14.84 17.37 18.69
C GLN A 155 14.60 18.37 17.56
N GLU A 156 14.42 17.83 16.35
CA GLU A 156 14.21 18.65 15.16
C GLU A 156 12.83 19.29 15.14
N GLY A 157 11.90 18.75 15.93
CA GLY A 157 10.55 19.29 15.95
C GLY A 157 9.85 18.89 14.67
N LYS A 158 10.38 17.84 14.04
CA LYS A 158 9.87 17.32 12.80
C LYS A 158 10.22 15.83 12.70
N ASN A 159 9.23 14.99 12.43
CA ASN A 159 9.49 13.56 12.28
C ASN A 159 8.85 13.06 11.00
N ILE A 160 8.87 11.74 10.80
CA ILE A 160 8.33 11.12 9.59
C ILE A 160 6.81 10.96 9.58
N GLY A 161 6.23 10.64 10.74
CA GLY A 161 4.80 10.45 10.81
C GLY A 161 4.47 9.00 10.54
N THR A 162 5.36 8.12 11.00
CA THR A 162 5.23 6.68 10.84
C THR A 162 3.94 6.22 11.49
N THR A 163 3.53 5.00 11.20
CA THR A 163 2.31 4.44 11.79
C THR A 163 2.68 3.83 13.14
N LYS A 164 3.98 3.83 13.44
CA LYS A 164 4.49 3.28 14.70
C LYS A 164 4.28 1.76 14.79
N LYS A 165 4.34 1.08 13.65
CA LYS A 165 4.16 -0.36 13.62
C LYS A 165 5.47 -1.13 13.49
N GLY A 166 6.60 -0.43 13.66
CA GLY A 166 7.90 -1.08 13.57
C GLY A 166 8.40 -1.43 12.18
N ILE A 167 7.59 -1.11 11.16
CA ILE A 167 7.96 -1.39 9.79
C ILE A 167 9.39 -0.92 9.53
N GLY A 168 9.67 0.34 9.88
CA GLY A 168 10.99 0.89 9.69
C GLY A 168 12.05 0.03 10.36
N PRO A 169 12.00 -0.09 11.69
CA PRO A 169 12.98 -0.90 12.43
C PRO A 169 13.12 -2.35 11.93
N THR A 170 12.01 -2.99 11.58
CA THR A 170 12.06 -4.36 11.08
C THR A 170 12.89 -4.38 9.79
N TYR A 171 12.60 -3.47 8.86
CA TYR A 171 13.38 -3.45 7.63
C TYR A 171 14.84 -3.10 7.87
N SER A 172 15.12 -2.28 8.87
CA SER A 172 16.50 -1.95 9.15
C SER A 172 17.19 -3.17 9.76
N SER A 173 16.46 -3.99 10.52
CA SER A 173 17.02 -5.20 11.11
C SER A 173 17.32 -6.19 9.98
N LYS A 174 16.37 -6.29 9.06
CA LYS A 174 16.52 -7.17 7.90
C LYS A 174 17.78 -6.83 7.12
N ALA A 175 17.94 -5.56 6.79
CA ALA A 175 19.10 -5.15 6.02
C ALA A 175 20.38 -5.53 6.74
N ALA A 176 20.40 -5.32 8.04
CA ALA A 176 21.59 -5.64 8.83
C ALA A 176 21.79 -7.15 8.95
N ARG A 177 20.77 -7.92 8.57
CA ARG A 177 20.78 -9.39 8.64
C ARG A 177 20.70 -9.83 10.08
N THR A 178 20.09 -9.00 10.92
CA THR A 178 19.97 -9.33 12.32
C THR A 178 18.56 -9.78 12.64
N GLY A 179 17.63 -9.38 11.78
CA GLY A 179 16.24 -9.76 11.99
C GLY A 179 16.04 -11.26 12.01
N LEU A 180 14.79 -11.68 12.16
CA LEU A 180 14.44 -13.09 12.21
C LEU A 180 13.31 -13.39 11.26
N ARG A 181 13.33 -14.59 10.69
CA ARG A 181 12.31 -14.97 9.73
C ARG A 181 11.42 -16.10 10.20
N ILE A 182 10.29 -16.24 9.52
CA ILE A 182 9.31 -17.28 9.83
C ILE A 182 9.96 -18.65 10.01
N CYS A 183 10.88 -18.99 9.12
CA CYS A 183 11.55 -20.29 9.19
C CYS A 183 12.39 -20.40 10.45
N ASP A 184 12.97 -19.29 10.89
CA ASP A 184 13.79 -19.30 12.09
C ASP A 184 12.90 -19.56 13.29
N LEU A 185 11.64 -19.11 13.19
CA LEU A 185 10.69 -19.27 14.28
C LEU A 185 10.27 -20.72 14.42
N LEU A 186 9.96 -21.38 13.32
CA LEU A 186 9.54 -22.78 13.35
C LEU A 186 10.66 -23.75 13.72
N SER A 187 11.90 -23.40 13.39
CA SER A 187 13.06 -24.25 13.69
C SER A 187 13.29 -24.36 15.20
N ASP A 188 14.50 -24.72 15.60
CA ASP A 188 14.83 -24.84 17.02
C ASP A 188 14.55 -23.56 17.76
N PHE A 189 13.55 -23.57 18.63
CA PHE A 189 13.20 -22.38 19.39
C PHE A 189 14.37 -21.90 20.26
N ASP A 190 15.18 -22.83 20.74
CA ASP A 190 16.32 -22.49 21.57
C ASP A 190 17.29 -21.56 20.85
N GLU A 191 17.58 -21.87 19.58
CA GLU A 191 18.49 -21.04 18.80
C GLU A 191 17.77 -19.71 18.50
N PHE A 192 16.47 -19.79 18.25
CA PHE A 192 15.68 -18.61 17.96
C PHE A 192 15.76 -17.66 19.15
N SER A 193 15.38 -18.17 20.31
CA SER A 193 15.40 -17.38 21.53
C SER A 193 16.73 -16.67 21.77
N ALA A 194 17.83 -17.32 21.39
CA ALA A 194 19.14 -16.70 21.57
C ALA A 194 19.23 -15.51 20.63
N ARG A 195 18.95 -15.76 19.35
CA ARG A 195 18.98 -14.70 18.35
C ARG A 195 18.08 -13.57 18.81
N PHE A 196 16.87 -13.94 19.24
CA PHE A 196 15.91 -12.97 19.72
C PHE A 196 16.53 -12.13 20.83
N LYS A 197 17.10 -12.82 21.82
CA LYS A 197 17.76 -12.19 22.97
C LYS A 197 18.71 -11.06 22.55
N ASN A 198 19.58 -11.36 21.59
CA ASN A 198 20.56 -10.41 21.12
C ASN A 198 19.98 -9.23 20.32
N LEU A 199 18.98 -9.51 19.50
CA LEU A 199 18.37 -8.46 18.70
C LEU A 199 17.69 -7.45 19.62
N ALA A 200 17.12 -7.95 20.71
CA ALA A 200 16.44 -7.11 21.69
C ALA A 200 17.45 -6.25 22.46
N HIS A 201 18.54 -6.88 22.89
CA HIS A 201 19.57 -6.17 23.64
C HIS A 201 20.19 -5.08 22.76
N GLN A 202 20.21 -5.32 21.46
CA GLN A 202 20.78 -4.36 20.51
C GLN A 202 19.94 -3.11 20.38
N HIS A 203 18.62 -3.27 20.31
CA HIS A 203 17.74 -2.12 20.21
C HIS A 203 17.82 -1.28 21.49
N GLN A 204 17.96 -1.96 22.63
CA GLN A 204 18.06 -1.30 23.91
C GLN A 204 19.31 -0.43 23.97
N SER A 205 20.32 -0.79 23.18
CA SER A 205 21.57 -0.04 23.14
C SER A 205 21.37 1.29 22.42
N MET A 206 20.35 1.35 21.58
CA MET A 206 20.03 2.55 20.81
C MET A 206 19.11 3.40 21.67
N PHE A 207 18.18 2.74 22.35
CA PHE A 207 17.22 3.39 23.24
C PHE A 207 17.30 2.70 24.60
N PRO A 208 18.32 3.06 25.41
CA PRO A 208 18.51 2.47 26.74
C PRO A 208 17.30 2.68 27.66
N THR A 209 16.30 3.39 27.16
CA THR A 209 15.09 3.65 27.91
C THR A 209 14.09 2.52 27.62
N LEU A 210 14.18 1.99 26.39
CA LEU A 210 13.29 0.93 25.95
C LEU A 210 13.44 -0.35 26.77
N GLU A 211 12.35 -0.77 27.40
CA GLU A 211 12.34 -1.97 28.22
C GLU A 211 11.70 -3.11 27.44
N ILE A 212 12.22 -4.33 27.60
CA ILE A 212 11.68 -5.48 26.88
C ILE A 212 11.47 -6.71 27.77
N ASP A 213 10.22 -7.14 27.92
CA ASP A 213 9.90 -8.32 28.70
C ASP A 213 10.17 -9.55 27.86
N VAL A 214 11.45 -9.86 27.68
CA VAL A 214 11.89 -10.99 26.88
C VAL A 214 11.02 -12.25 26.99
N GLU A 215 11.06 -12.90 28.14
CA GLU A 215 10.30 -14.14 28.33
C GLU A 215 8.82 -14.04 27.97
N GLY A 216 8.20 -12.89 28.22
CA GLY A 216 6.80 -12.75 27.88
C GLY A 216 6.59 -12.93 26.39
N GLN A 217 7.16 -12.00 25.61
CA GLN A 217 7.07 -12.03 24.16
C GLN A 217 7.51 -13.38 23.64
N LEU A 218 8.70 -13.80 24.06
CA LEU A 218 9.26 -15.08 23.66
C LEU A 218 8.24 -16.20 23.85
N LYS A 219 7.61 -16.23 25.02
CA LYS A 219 6.63 -17.26 25.32
C LYS A 219 5.41 -17.15 24.43
N ARG A 220 4.96 -15.92 24.19
CA ARG A 220 3.80 -15.74 23.32
C ARG A 220 4.18 -16.16 21.90
N LEU A 221 5.43 -15.89 21.53
CA LEU A 221 5.92 -16.23 20.19
C LEU A 221 5.86 -17.74 19.91
N LYS A 222 6.13 -18.55 20.92
CA LYS A 222 6.08 -20.01 20.75
C LYS A 222 4.65 -20.41 20.42
N GLY A 223 3.69 -19.68 20.98
CA GLY A 223 2.30 -19.95 20.69
C GLY A 223 2.08 -19.67 19.23
N PHE A 224 2.33 -18.42 18.85
CA PHE A 224 2.17 -17.97 17.47
C PHE A 224 2.87 -18.92 16.49
N ALA A 225 4.03 -19.41 16.90
CA ALA A 225 4.78 -20.34 16.07
C ALA A 225 3.94 -21.55 15.71
N GLU A 226 3.49 -22.26 16.73
CA GLU A 226 2.68 -23.46 16.52
C GLU A 226 1.36 -23.16 15.83
N ARG A 227 0.93 -21.91 15.92
CA ARG A 227 -0.33 -21.51 15.29
C ARG A 227 -0.11 -21.18 13.82
N ILE A 228 0.98 -20.48 13.52
CA ILE A 228 1.30 -20.09 12.14
C ILE A 228 1.86 -21.25 11.32
N ARG A 229 2.52 -22.19 12.01
CA ARG A 229 3.15 -23.35 11.38
C ARG A 229 2.46 -24.03 10.20
N PRO A 230 1.17 -24.36 10.32
CA PRO A 230 0.50 -25.02 9.18
C PRO A 230 0.34 -24.21 7.90
N MET A 231 0.36 -22.88 7.99
CA MET A 231 0.18 -22.06 6.81
C MET A 231 1.50 -21.68 6.16
N VAL A 232 2.60 -21.97 6.83
CA VAL A 232 3.91 -21.62 6.29
C VAL A 232 4.42 -22.59 5.23
N ARG A 233 5.05 -22.05 4.19
CA ARG A 233 5.59 -22.87 3.09
C ARG A 233 6.73 -22.15 2.39
N ASP A 234 7.45 -22.87 1.53
CA ASP A 234 8.56 -22.28 0.78
C ASP A 234 7.93 -21.40 -0.31
N GLY A 235 8.06 -20.08 -0.17
CA GLY A 235 7.48 -19.16 -1.13
C GLY A 235 7.98 -19.22 -2.56
N VAL A 236 9.28 -19.38 -2.72
CA VAL A 236 9.89 -19.45 -4.04
C VAL A 236 9.30 -20.63 -4.78
N TYR A 237 9.38 -21.80 -4.16
CA TYR A 237 8.86 -23.00 -4.77
C TYR A 237 7.38 -22.83 -5.04
N PHE A 238 6.61 -22.53 -4.00
CA PHE A 238 5.17 -22.36 -4.15
C PHE A 238 4.80 -21.50 -5.34
N MET A 239 5.33 -20.28 -5.36
CA MET A 239 5.05 -19.34 -6.44
C MET A 239 5.57 -19.84 -7.78
N TYR A 240 6.68 -20.55 -7.79
CA TYR A 240 7.22 -21.06 -9.04
C TYR A 240 6.26 -22.11 -9.62
N GLU A 241 5.90 -23.09 -8.79
CA GLU A 241 4.99 -24.16 -9.18
C GLU A 241 3.72 -23.62 -9.79
N ALA A 242 3.19 -22.56 -9.20
CA ALA A 242 1.96 -21.97 -9.68
C ALA A 242 2.08 -21.23 -11.00
N LEU A 243 3.25 -20.68 -11.29
CA LEU A 243 3.43 -19.92 -12.54
C LEU A 243 3.91 -20.74 -13.73
N HIS A 244 4.39 -21.95 -13.47
CA HIS A 244 4.90 -22.80 -14.54
C HIS A 244 4.10 -24.08 -14.70
N GLY A 245 3.10 -24.27 -13.85
CA GLY A 245 2.29 -25.46 -13.94
C GLY A 245 1.09 -25.17 -14.80
N PRO A 246 -0.07 -25.79 -14.50
CA PRO A 246 -1.26 -25.52 -15.30
C PRO A 246 -1.63 -24.04 -15.09
N PRO A 247 -1.93 -23.32 -16.17
CA PRO A 247 -2.28 -21.90 -16.10
C PRO A 247 -3.10 -21.48 -14.87
N LYS A 248 -2.69 -20.35 -14.29
CA LYS A 248 -3.38 -19.79 -13.13
C LYS A 248 -3.48 -18.27 -13.18
N LYS A 249 -4.51 -17.75 -12.51
CA LYS A 249 -4.72 -16.32 -12.45
C LYS A 249 -4.15 -15.85 -11.11
N VAL A 250 -2.97 -15.26 -11.14
CA VAL A 250 -2.34 -14.77 -9.93
C VAL A 250 -2.38 -13.25 -9.83
N LEU A 251 -2.77 -12.74 -8.66
CA LEU A 251 -2.88 -11.31 -8.42
C LEU A 251 -1.96 -10.81 -7.32
N VAL A 252 -1.22 -9.73 -7.61
CA VAL A 252 -0.31 -9.16 -6.63
C VAL A 252 -0.84 -7.82 -6.15
N GLU A 253 -1.14 -7.77 -4.85
CA GLU A 253 -1.67 -6.59 -4.18
C GLU A 253 -0.54 -5.76 -3.57
N GLY A 254 -0.26 -4.61 -4.18
CA GLY A 254 0.79 -3.76 -3.65
C GLY A 254 0.30 -2.99 -2.46
N ALA A 255 1.24 -2.51 -1.63
CA ALA A 255 0.89 -1.71 -0.46
C ALA A 255 1.51 -0.33 -0.60
N ASN A 256 1.06 0.60 0.23
CA ASN A 256 1.59 1.95 0.18
C ASN A 256 1.52 2.47 -1.25
N ALA A 257 2.56 3.15 -1.72
CA ALA A 257 2.52 3.70 -3.07
C ALA A 257 3.86 4.17 -3.58
N ALA A 258 3.85 4.59 -4.84
CA ALA A 258 5.04 5.04 -5.54
C ALA A 258 5.85 6.11 -4.80
N LEU A 259 5.22 7.21 -4.43
CA LEU A 259 5.98 8.24 -3.76
C LEU A 259 6.31 7.99 -2.29
N LEU A 260 6.07 6.76 -1.86
CA LEU A 260 6.37 6.34 -0.50
C LEU A 260 7.45 5.28 -0.59
N ASP A 261 7.85 4.97 -1.82
CA ASP A 261 8.87 3.96 -2.09
C ASP A 261 10.20 4.36 -1.46
N ILE A 262 10.82 3.43 -0.75
CA ILE A 262 12.08 3.71 -0.06
C ILE A 262 13.15 4.30 -0.97
N ASP A 263 13.13 3.92 -2.25
CA ASP A 263 14.11 4.43 -3.21
C ASP A 263 13.62 5.65 -3.97
N PHE A 264 12.42 5.54 -4.53
CA PHE A 264 11.91 6.61 -5.38
C PHE A 264 10.96 7.64 -4.78
N GLY A 265 10.44 7.36 -3.59
CA GLY A 265 9.51 8.29 -2.96
C GLY A 265 10.20 9.55 -2.47
N THR A 266 9.46 10.38 -1.76
CA THR A 266 10.02 11.61 -1.21
C THR A 266 10.88 11.32 0.03
N TYR A 267 11.99 10.61 -0.18
CA TYR A 267 12.90 10.25 0.92
C TYR A 267 13.27 11.51 1.71
N PRO A 268 13.37 11.40 3.05
CA PRO A 268 13.16 10.25 3.93
C PRO A 268 11.71 10.11 4.37
N PHE A 269 10.85 10.95 3.81
CA PHE A 269 9.45 10.90 4.16
C PHE A 269 8.72 9.87 3.32
N VAL A 270 9.10 8.62 3.55
CA VAL A 270 8.58 7.45 2.85
C VAL A 270 8.55 6.23 3.77
N THR A 271 8.09 5.11 3.25
CA THR A 271 8.04 3.87 4.02
C THR A 271 9.31 3.09 3.71
N SER A 272 9.60 2.05 4.49
CA SER A 272 10.85 1.30 4.31
C SER A 272 10.90 0.12 3.36
N SER A 273 10.01 0.09 2.39
CA SER A 273 10.00 -0.99 1.41
C SER A 273 9.79 -0.42 0.02
N ASN A 274 10.09 -1.22 -1.00
CA ASN A 274 9.87 -0.78 -2.36
C ASN A 274 8.45 -1.10 -2.79
N CYS A 275 7.57 -0.10 -2.71
CA CYS A 275 6.17 -0.27 -3.10
C CYS A 275 6.02 -0.24 -4.62
N THR A 276 7.10 0.10 -5.31
CA THR A 276 7.04 0.13 -6.76
C THR A 276 7.10 -1.28 -7.32
N VAL A 277 7.00 -1.40 -8.65
CA VAL A 277 6.97 -2.70 -9.31
C VAL A 277 8.13 -3.66 -9.02
N GLY A 278 9.32 -3.12 -8.78
CA GLY A 278 10.43 -3.99 -8.50
C GLY A 278 10.15 -4.81 -7.25
N GLY A 279 9.38 -4.23 -6.33
CA GLY A 279 9.04 -4.88 -5.08
C GLY A 279 8.29 -6.17 -5.28
N VAL A 280 7.70 -6.34 -6.46
CA VAL A 280 6.98 -7.55 -6.74
C VAL A 280 7.96 -8.70 -6.96
N CYS A 281 9.03 -8.45 -7.71
CA CYS A 281 10.04 -9.48 -7.95
C CYS A 281 10.82 -9.74 -6.66
N THR A 282 11.04 -8.68 -5.90
CA THR A 282 11.78 -8.77 -4.65
C THR A 282 10.98 -9.51 -3.59
N GLY A 283 9.71 -9.14 -3.44
CA GLY A 283 8.87 -9.74 -2.43
C GLY A 283 8.26 -11.11 -2.67
N LEU A 284 8.24 -11.57 -3.91
CA LEU A 284 7.65 -12.87 -4.23
C LEU A 284 8.67 -13.81 -4.85
N GLY A 285 9.77 -13.25 -5.33
CA GLY A 285 10.80 -14.08 -5.96
C GLY A 285 10.43 -14.53 -7.36
N ILE A 286 9.74 -13.70 -8.12
CA ILE A 286 9.37 -14.07 -9.48
C ILE A 286 10.03 -13.12 -10.47
N PRO A 287 10.51 -13.66 -11.60
CA PRO A 287 11.18 -12.87 -12.62
C PRO A 287 10.27 -11.90 -13.36
N PRO A 288 10.87 -10.89 -14.01
CA PRO A 288 10.13 -9.88 -14.77
C PRO A 288 9.22 -10.40 -15.88
N GLN A 289 9.61 -11.46 -16.57
CA GLN A 289 8.75 -11.97 -17.64
C GLN A 289 7.49 -12.60 -17.07
N ASN A 290 7.50 -12.88 -15.78
CA ASN A 290 6.31 -13.46 -15.17
C ASN A 290 5.37 -12.37 -14.69
N ILE A 291 5.70 -11.12 -14.98
CA ILE A 291 4.87 -10.00 -14.60
C ILE A 291 4.13 -9.51 -15.84
N GLY A 292 2.82 -9.37 -15.74
CA GLY A 292 2.04 -8.91 -16.87
C GLY A 292 1.48 -7.53 -16.63
N ASP A 293 0.15 -7.42 -16.65
CA ASP A 293 -0.49 -6.14 -16.43
C ASP A 293 -0.09 -5.53 -15.10
N VAL A 294 0.29 -4.26 -15.18
CA VAL A 294 0.66 -3.50 -13.99
C VAL A 294 -0.29 -2.32 -13.99
N TYR A 295 -1.24 -2.35 -13.05
CA TYR A 295 -2.26 -1.31 -12.95
C TYR A 295 -1.96 -0.25 -11.90
N GLY A 296 -1.94 0.99 -12.33
CA GLY A 296 -1.69 2.09 -11.41
C GLY A 296 -2.99 2.67 -10.89
N VAL A 297 -3.20 2.52 -9.59
CA VAL A 297 -4.39 3.05 -8.94
C VAL A 297 -4.13 4.53 -8.64
N VAL A 298 -4.93 5.42 -9.21
CA VAL A 298 -4.75 6.85 -8.96
C VAL A 298 -6.03 7.54 -8.56
N LYS A 299 -5.98 8.18 -7.39
CA LYS A 299 -7.12 8.91 -6.86
C LYS A 299 -7.34 10.15 -7.75
N ALA A 300 -8.59 10.57 -7.89
CA ALA A 300 -8.94 11.72 -8.71
C ALA A 300 -8.40 13.03 -8.12
N TYR A 301 -7.80 12.92 -6.94
CA TYR A 301 -7.17 14.05 -6.25
C TYR A 301 -6.10 13.40 -5.37
N THR A 302 -5.27 14.22 -4.75
CA THR A 302 -4.16 13.69 -3.96
C THR A 302 -4.31 13.74 -2.44
N THR A 303 -3.76 12.72 -1.78
CA THR A 303 -3.75 12.63 -0.31
C THR A 303 -2.45 12.04 0.19
N ARG A 304 -2.02 12.52 1.35
CA ARG A 304 -0.79 12.09 2.01
C ARG A 304 -1.14 12.06 3.51
N VAL A 305 -0.77 11.00 4.22
CA VAL A 305 -1.11 10.96 5.62
C VAL A 305 0.02 11.46 6.52
N GLY A 306 1.25 11.07 6.24
CA GLY A 306 2.37 11.51 7.07
C GLY A 306 2.98 12.85 6.72
N ILE A 307 4.16 13.13 7.28
CA ILE A 307 4.88 14.39 7.05
C ILE A 307 5.60 14.41 5.70
N GLY A 308 6.00 15.60 5.25
CA GLY A 308 6.71 15.70 3.97
C GLY A 308 6.06 16.59 2.93
N ALA A 309 6.83 16.93 1.90
CA ALA A 309 6.37 17.79 0.79
C ALA A 309 5.08 17.32 0.13
N PHE A 310 4.20 18.26 -0.18
CA PHE A 310 2.91 17.98 -0.81
C PHE A 310 2.54 19.19 -1.66
N PRO A 311 3.19 19.33 -2.83
CA PRO A 311 2.99 20.43 -3.78
C PRO A 311 1.58 21.00 -3.95
N THR A 312 0.60 20.14 -4.21
CA THR A 312 -0.77 20.59 -4.43
C THR A 312 -1.66 20.69 -3.19
N GLU A 313 -1.13 20.32 -2.02
CA GLU A 313 -1.91 20.37 -0.78
C GLU A 313 -2.80 21.62 -0.66
N GLN A 314 -4.07 21.41 -0.34
CA GLN A 314 -5.02 22.50 -0.17
C GLN A 314 -5.46 22.63 1.28
N ILE A 315 -4.89 23.62 1.97
CA ILE A 315 -5.24 23.89 3.37
C ILE A 315 -6.32 24.99 3.38
N ASN A 316 -7.56 24.61 3.12
CA ASN A 316 -8.67 25.57 3.06
C ASN A 316 -9.99 24.84 2.89
N GLU A 317 -11.02 25.57 2.46
CA GLU A 317 -12.34 24.96 2.27
C GLU A 317 -12.32 23.85 1.22
N ILE A 318 -11.46 23.97 0.23
CA ILE A 318 -11.36 22.94 -0.80
C ILE A 318 -10.85 21.67 -0.11
N GLY A 319 -9.68 21.78 0.51
CA GLY A 319 -9.10 20.63 1.19
C GLY A 319 -10.10 20.02 2.13
N ASP A 320 -10.88 20.87 2.79
CA ASP A 320 -11.90 20.40 3.73
C ASP A 320 -12.95 19.60 2.99
N LEU A 321 -13.38 20.13 1.85
CA LEU A 321 -14.39 19.45 1.07
C LEU A 321 -13.91 18.05 0.67
N LEU A 322 -12.72 17.99 0.08
CA LEU A 322 -12.16 16.71 -0.35
C LEU A 322 -12.03 15.80 0.87
N GLN A 323 -11.56 16.38 1.97
CA GLN A 323 -11.36 15.63 3.21
C GLN A 323 -12.67 15.04 3.72
N ASN A 324 -13.74 15.81 3.62
CA ASN A 324 -15.05 15.37 4.08
C ASN A 324 -15.83 14.52 3.08
N ARG A 325 -15.90 14.93 1.80
CA ARG A 325 -16.62 14.13 0.82
C ARG A 325 -15.88 12.83 0.58
N GLY A 326 -14.58 12.84 0.83
CA GLY A 326 -13.78 11.66 0.61
C GLY A 326 -13.54 10.85 1.86
N HIS A 327 -14.02 11.37 3.00
CA HIS A 327 -13.85 10.69 4.28
C HIS A 327 -12.40 10.28 4.45
N GLU A 328 -11.49 11.17 4.08
CA GLU A 328 -10.07 10.85 4.16
C GLU A 328 -9.49 11.00 5.57
N TRP A 329 -9.77 10.01 6.42
CA TRP A 329 -9.26 10.04 7.77
C TRP A 329 -8.74 8.67 8.20
N GLY A 330 -7.97 8.67 9.28
CA GLY A 330 -7.40 7.45 9.80
C GLY A 330 -8.40 6.33 9.98
N VAL A 331 -8.27 5.30 9.14
CA VAL A 331 -9.15 4.14 9.19
C VAL A 331 -8.94 3.38 10.50
N THR A 332 -8.44 4.08 11.52
CA THR A 332 -8.16 3.49 12.83
C THR A 332 -7.96 4.57 13.90
N THR A 333 -6.98 5.43 13.67
CA THR A 333 -6.64 6.51 14.58
C THR A 333 -7.55 7.73 14.44
N GLY A 334 -8.21 7.86 13.29
CA GLY A 334 -9.09 8.98 13.06
C GLY A 334 -8.39 10.27 12.62
N ARG A 335 -7.09 10.16 12.37
CA ARG A 335 -6.31 11.30 11.92
C ARG A 335 -6.63 11.65 10.47
N LYS A 336 -7.19 12.84 10.27
CA LYS A 336 -7.55 13.28 8.92
C LYS A 336 -6.29 13.34 8.06
N ARG A 337 -6.43 13.00 6.78
CA ARG A 337 -5.29 13.02 5.87
C ARG A 337 -5.19 14.35 5.13
N ARG A 338 -3.96 14.74 4.81
CA ARG A 338 -3.72 15.97 4.06
C ARG A 338 -4.31 15.75 2.66
N CYS A 339 -5.01 16.75 2.14
CA CYS A 339 -5.62 16.63 0.82
C CYS A 339 -5.23 17.76 -0.12
N GLY A 340 -5.25 17.46 -1.42
CA GLY A 340 -4.89 18.44 -2.42
C GLY A 340 -5.34 18.03 -3.81
N TRP A 341 -5.22 18.94 -4.77
CA TRP A 341 -5.63 18.65 -6.15
C TRP A 341 -4.84 17.51 -6.79
N LEU A 342 -5.26 17.09 -7.98
CA LEU A 342 -4.57 16.04 -8.71
C LEU A 342 -3.20 16.61 -9.06
N ASP A 343 -2.17 15.78 -9.04
CA ASP A 343 -0.83 16.26 -9.33
C ASP A 343 -0.17 15.36 -10.36
N LEU A 344 -0.16 15.81 -11.60
CA LEU A 344 0.42 15.04 -12.70
C LEU A 344 1.92 14.82 -12.62
N MET A 345 2.65 15.68 -11.91
CA MET A 345 4.09 15.47 -11.81
C MET A 345 4.41 14.15 -11.10
N ILE A 346 3.78 13.91 -9.97
CA ILE A 346 4.04 12.67 -9.26
C ILE A 346 3.50 11.49 -10.08
N LEU A 347 2.36 11.70 -10.75
CA LEU A 347 1.76 10.65 -11.57
C LEU A 347 2.68 10.15 -12.69
N ARG A 348 3.30 11.09 -13.41
CA ARG A 348 4.19 10.73 -14.51
C ARG A 348 5.48 10.12 -14.00
N TYR A 349 5.97 10.65 -12.89
CA TYR A 349 7.19 10.13 -12.33
C TYR A 349 6.89 8.71 -11.86
N ALA A 350 5.69 8.49 -11.34
CA ALA A 350 5.34 7.16 -10.88
C ALA A 350 5.31 6.18 -12.06
N HIS A 351 4.81 6.64 -13.19
CA HIS A 351 4.75 5.78 -14.36
C HIS A 351 6.15 5.43 -14.92
N MET A 352 7.07 6.39 -14.84
CA MET A 352 8.42 6.17 -15.31
C MET A 352 9.02 4.98 -14.59
N VAL A 353 8.74 4.87 -13.30
CA VAL A 353 9.26 3.78 -12.49
C VAL A 353 8.44 2.48 -12.58
N ASN A 354 7.12 2.59 -12.54
CA ASN A 354 6.28 1.41 -12.58
C ASN A 354 5.88 0.83 -13.95
N GLY A 355 5.76 1.68 -14.97
CA GLY A 355 5.38 1.18 -16.27
C GLY A 355 3.98 0.57 -16.26
N PHE A 356 3.01 1.36 -15.81
CA PHE A 356 1.63 0.93 -15.75
C PHE A 356 1.12 0.50 -17.13
N THR A 357 0.36 -0.59 -17.17
CA THR A 357 -0.21 -1.05 -18.43
C THR A 357 -1.58 -0.39 -18.59
N ALA A 358 -2.14 0.07 -17.48
CA ALA A 358 -3.45 0.73 -17.50
C ALA A 358 -3.69 1.40 -16.14
N LEU A 359 -4.67 2.30 -16.09
CA LEU A 359 -4.96 3.01 -14.85
C LEU A 359 -6.30 2.71 -14.22
N ALA A 360 -6.37 2.96 -12.92
CA ALA A 360 -7.58 2.78 -12.13
C ALA A 360 -7.76 4.15 -11.53
N LEU A 361 -8.76 4.90 -11.99
CA LEU A 361 -9.00 6.25 -11.50
C LEU A 361 -10.12 6.21 -10.47
N THR A 362 -9.74 6.31 -9.20
CA THR A 362 -10.69 6.23 -8.09
C THR A 362 -11.18 7.54 -7.50
N LYS A 363 -12.37 7.47 -6.90
CA LYS A 363 -13.01 8.59 -6.22
C LYS A 363 -13.38 9.76 -7.10
N LEU A 364 -13.92 9.45 -8.27
CA LEU A 364 -14.32 10.51 -9.18
C LEU A 364 -15.53 11.22 -8.56
N ASP A 365 -16.42 10.42 -7.96
CA ASP A 365 -17.64 10.95 -7.35
C ASP A 365 -17.40 12.06 -6.36
N ILE A 366 -16.23 12.06 -5.74
CA ILE A 366 -15.89 13.10 -4.77
C ILE A 366 -15.86 14.49 -5.41
N LEU A 367 -15.63 14.54 -6.71
CA LEU A 367 -15.56 15.81 -7.42
C LEU A 367 -16.88 16.25 -8.06
N ASP A 368 -17.94 15.46 -7.88
CA ASP A 368 -19.26 15.78 -8.47
C ASP A 368 -19.75 17.19 -8.13
N VAL A 369 -19.37 17.67 -6.96
CA VAL A 369 -19.78 18.97 -6.45
C VAL A 369 -19.04 20.19 -7.00
N LEU A 370 -17.73 20.09 -7.14
CA LEU A 370 -16.93 21.22 -7.63
C LEU A 370 -17.42 21.81 -8.94
N SER A 371 -17.39 23.13 -9.04
CA SER A 371 -17.84 23.81 -10.26
C SER A 371 -16.69 23.81 -11.26
N GLU A 372 -15.47 23.76 -10.76
CA GLU A 372 -14.30 23.73 -11.60
C GLU A 372 -13.21 23.01 -10.82
N ILE A 373 -12.44 22.18 -11.52
CA ILE A 373 -11.38 21.40 -10.88
C ILE A 373 -9.99 21.72 -11.40
N LYS A 374 -9.07 22.01 -10.48
CA LYS A 374 -7.70 22.31 -10.83
C LYS A 374 -6.87 21.06 -10.71
N VAL A 375 -5.81 20.95 -11.52
CA VAL A 375 -4.92 19.79 -11.47
C VAL A 375 -3.51 20.25 -11.84
N GLY A 376 -2.56 19.96 -10.96
CA GLY A 376 -1.19 20.37 -11.20
C GLY A 376 -0.59 19.70 -12.40
N ILE A 377 0.01 20.47 -13.30
CA ILE A 377 0.60 19.88 -14.50
C ILE A 377 2.13 19.91 -14.53
N SER A 378 2.73 20.89 -13.87
CA SER A 378 4.19 21.00 -13.82
C SER A 378 4.62 21.84 -12.62
N TYR A 379 5.91 21.78 -12.29
CA TYR A 379 6.45 22.56 -11.18
C TYR A 379 7.46 23.56 -11.71
N LYS A 380 7.57 24.68 -11.01
CA LYS A 380 8.55 25.69 -11.38
C LYS A 380 9.14 26.24 -10.08
N LEU A 381 10.46 26.37 -10.05
CA LEU A 381 11.15 26.84 -8.85
C LEU A 381 11.23 28.36 -8.78
N ASN A 382 11.96 28.96 -9.71
CA ASN A 382 12.08 30.42 -9.73
C ASN A 382 11.65 30.95 -11.08
N GLY A 383 10.35 30.86 -11.36
CA GLY A 383 9.83 31.31 -12.63
C GLY A 383 10.32 30.34 -13.67
N LYS A 384 11.09 29.35 -13.21
CA LYS A 384 11.69 28.33 -14.05
C LYS A 384 11.02 26.98 -13.88
N ARG A 385 10.52 26.41 -14.97
CA ARG A 385 9.87 25.11 -14.91
C ARG A 385 10.90 24.00 -14.77
N ILE A 386 10.85 23.25 -13.67
CA ILE A 386 11.80 22.17 -13.47
C ILE A 386 11.49 21.03 -14.42
N PRO A 387 12.53 20.48 -15.07
CA PRO A 387 12.52 19.39 -16.04
C PRO A 387 12.02 18.03 -15.57
N TYR A 388 12.17 17.72 -14.29
CA TYR A 388 11.73 16.42 -13.78
C TYR A 388 11.50 16.43 -12.27
N PHE A 389 10.91 15.34 -11.76
CA PHE A 389 10.61 15.24 -10.34
C PHE A 389 11.90 15.29 -9.51
N PRO A 390 11.95 16.18 -8.52
CA PRO A 390 13.08 16.41 -7.62
C PRO A 390 13.51 15.21 -6.80
N ALA A 391 14.80 14.87 -6.84
CA ALA A 391 15.29 13.75 -6.05
C ALA A 391 15.31 14.24 -4.61
N ASN A 392 15.57 15.54 -4.46
CA ASN A 392 15.64 16.18 -3.15
C ASN A 392 14.26 16.68 -2.77
N GLN A 393 13.67 16.02 -1.77
CA GLN A 393 12.33 16.36 -1.29
C GLN A 393 12.25 17.80 -0.79
N GLU A 394 13.36 18.29 -0.25
CA GLU A 394 13.42 19.65 0.28
C GLU A 394 13.18 20.69 -0.81
N ILE A 395 13.47 20.33 -2.06
CA ILE A 395 13.26 21.23 -3.19
C ILE A 395 11.77 21.25 -3.48
N LEU A 396 11.22 20.04 -3.59
CA LEU A 396 9.82 19.82 -3.88
C LEU A 396 8.92 20.69 -3.00
N GLN A 397 9.42 21.01 -1.81
CA GLN A 397 8.69 21.81 -0.83
C GLN A 397 8.72 23.31 -1.16
N LYS A 398 9.58 23.71 -2.08
CA LYS A 398 9.74 25.12 -2.44
C LYS A 398 9.30 25.45 -3.85
N VAL A 399 8.67 24.49 -4.53
CA VAL A 399 8.20 24.70 -5.89
C VAL A 399 6.82 25.33 -5.94
N GLU A 400 6.56 26.02 -7.03
CA GLU A 400 5.26 26.65 -7.24
C GLU A 400 4.70 25.82 -8.38
N VAL A 401 3.56 25.20 -8.19
CA VAL A 401 3.02 24.38 -9.26
C VAL A 401 2.15 25.18 -10.23
N GLU A 402 2.18 24.77 -11.49
CA GLU A 402 1.37 25.41 -12.51
C GLU A 402 0.09 24.58 -12.58
N TYR A 403 -1.04 25.23 -12.45
CA TYR A 403 -2.31 24.54 -12.50
C TYR A 403 -3.10 24.72 -13.77
N GLU A 404 -3.90 23.71 -14.08
CA GLU A 404 -4.78 23.72 -15.22
C GLU A 404 -6.16 23.70 -14.57
N THR A 405 -7.06 24.57 -14.99
CA THR A 405 -8.39 24.58 -14.42
C THR A 405 -9.36 23.93 -15.38
N LEU A 406 -10.07 22.93 -14.90
CA LEU A 406 -11.02 22.21 -15.75
C LEU A 406 -12.45 22.29 -15.26
N PRO A 407 -13.39 22.47 -16.20
CA PRO A 407 -14.80 22.55 -15.87
C PRO A 407 -15.30 21.33 -15.12
N GLY A 408 -16.10 21.55 -14.09
CA GLY A 408 -16.66 20.45 -13.33
C GLY A 408 -17.89 20.00 -14.08
N TRP A 409 -18.37 18.80 -13.77
CA TRP A 409 -19.57 18.28 -14.43
C TRP A 409 -20.77 18.53 -13.53
N LYS A 410 -20.49 18.80 -12.27
CA LYS A 410 -21.51 19.10 -11.28
C LYS A 410 -22.74 18.23 -11.41
N ALA A 411 -22.57 16.95 -11.10
CA ALA A 411 -23.66 15.97 -11.15
C ALA A 411 -23.24 14.70 -10.43
N ASP A 412 -24.24 13.94 -9.98
CA ASP A 412 -24.00 12.71 -9.24
C ASP A 412 -23.64 11.54 -10.16
N THR A 413 -22.46 10.96 -9.94
CA THR A 413 -21.99 9.85 -10.74
C THR A 413 -21.90 8.55 -9.96
N THR A 414 -22.35 8.58 -8.71
CA THR A 414 -22.31 7.39 -7.86
C THR A 414 -23.05 6.20 -8.46
N GLY A 415 -23.95 6.48 -9.40
CA GLY A 415 -24.74 5.45 -10.02
C GLY A 415 -24.31 5.08 -11.43
N ALA A 416 -23.32 5.80 -11.95
CA ALA A 416 -22.82 5.51 -13.29
C ALA A 416 -22.17 4.12 -13.27
N ARG A 417 -22.36 3.37 -14.35
CA ARG A 417 -21.81 2.01 -14.44
C ARG A 417 -21.19 1.76 -15.82
N LYS A 418 -21.41 2.67 -16.75
CA LYS A 418 -20.87 2.55 -18.10
C LYS A 418 -20.33 3.90 -18.50
N TRP A 419 -19.36 3.90 -19.40
CA TRP A 419 -18.74 5.13 -19.87
C TRP A 419 -19.74 6.19 -20.35
N GLU A 420 -20.88 5.77 -20.87
CA GLU A 420 -21.90 6.70 -21.35
C GLU A 420 -22.76 7.27 -20.22
N ASP A 421 -22.74 6.62 -19.06
CA ASP A 421 -23.50 7.11 -17.92
C ASP A 421 -22.85 8.41 -17.43
N LEU A 422 -21.52 8.46 -17.51
CA LEU A 422 -20.77 9.63 -17.08
C LEU A 422 -21.05 10.82 -17.99
N PRO A 423 -21.18 12.02 -17.42
CA PRO A 423 -21.44 13.24 -18.18
C PRO A 423 -20.15 13.86 -18.76
N PRO A 424 -20.30 14.73 -19.77
CA PRO A 424 -19.23 15.43 -20.47
C PRO A 424 -17.95 15.74 -19.68
N GLN A 425 -17.98 16.80 -18.87
CA GLN A 425 -16.80 17.18 -18.10
C GLN A 425 -16.18 16.02 -17.35
N ALA A 426 -17.00 15.04 -16.97
CA ALA A 426 -16.48 13.90 -16.24
C ALA A 426 -15.64 13.09 -17.20
N GLN A 427 -16.19 12.80 -18.37
CA GLN A 427 -15.45 12.03 -19.37
C GLN A 427 -14.16 12.74 -19.75
N SER A 428 -14.24 14.07 -19.89
CA SER A 428 -13.07 14.87 -20.26
C SER A 428 -12.01 14.80 -19.18
N TYR A 429 -12.43 14.72 -17.92
CA TYR A 429 -11.49 14.64 -16.81
C TYR A 429 -10.75 13.31 -16.90
N VAL A 430 -11.44 12.25 -17.31
CA VAL A 430 -10.75 10.97 -17.41
C VAL A 430 -9.71 11.07 -18.52
N ARG A 431 -10.12 11.50 -19.70
CA ARG A 431 -9.18 11.63 -20.79
C ARG A 431 -7.99 12.47 -20.35
N PHE A 432 -8.26 13.62 -19.76
CA PHE A 432 -7.19 14.50 -19.30
C PHE A 432 -6.10 13.73 -18.59
N VAL A 433 -6.48 12.89 -17.63
CA VAL A 433 -5.53 12.07 -16.88
C VAL A 433 -4.90 11.05 -17.83
N GLU A 434 -5.77 10.38 -18.57
CA GLU A 434 -5.37 9.38 -19.55
C GLU A 434 -4.32 9.95 -20.51
N ASN A 435 -4.52 11.20 -20.93
CA ASN A 435 -3.61 11.86 -21.88
C ASN A 435 -2.28 12.33 -21.33
N HIS A 436 -2.31 13.14 -20.28
CA HIS A 436 -1.06 13.66 -19.71
C HIS A 436 -0.19 12.58 -19.11
N MET A 437 -0.72 11.37 -18.99
CA MET A 437 0.05 10.26 -18.43
C MET A 437 0.43 9.27 -19.50
N GLY A 438 -0.13 9.44 -20.69
CA GLY A 438 0.19 8.51 -21.76
C GLY A 438 -0.11 7.08 -21.38
N VAL A 439 -1.12 6.89 -20.52
CA VAL A 439 -1.57 5.57 -20.08
C VAL A 439 -3.10 5.53 -20.10
N ALA A 440 -3.68 4.52 -20.72
CA ALA A 440 -5.13 4.43 -20.78
C ALA A 440 -5.74 4.08 -19.43
N VAL A 441 -6.91 4.66 -19.16
CA VAL A 441 -7.63 4.42 -17.92
C VAL A 441 -8.53 3.22 -18.13
N LYS A 442 -8.31 2.16 -17.37
CA LYS A 442 -9.13 0.96 -17.53
C LYS A 442 -10.37 0.94 -16.64
N TRP A 443 -10.28 1.58 -15.49
CA TRP A 443 -11.39 1.62 -14.55
C TRP A 443 -11.62 3.01 -13.97
N VAL A 444 -12.88 3.27 -13.62
CA VAL A 444 -13.27 4.53 -13.01
C VAL A 444 -14.09 4.19 -11.77
N GLY A 445 -13.65 4.70 -10.63
CA GLY A 445 -14.35 4.43 -9.38
C GLY A 445 -15.28 5.56 -8.97
N VAL A 446 -16.51 5.20 -8.61
CA VAL A 446 -17.48 6.20 -8.19
C VAL A 446 -18.11 5.86 -6.85
N GLY A 447 -17.48 4.95 -6.12
CA GLY A 447 -18.00 4.56 -4.82
C GLY A 447 -17.04 3.60 -4.15
N LYS A 448 -17.32 3.29 -2.89
CA LYS A 448 -16.45 2.41 -2.14
C LYS A 448 -16.70 0.93 -2.44
N SER A 449 -17.93 0.59 -2.79
CA SER A 449 -18.26 -0.80 -3.05
C SER A 449 -17.77 -1.36 -4.39
N ARG A 450 -17.72 -2.69 -4.48
CA ARG A 450 -17.28 -3.38 -5.67
C ARG A 450 -18.02 -2.98 -6.94
N GLU A 451 -19.32 -2.73 -6.82
CA GLU A 451 -20.13 -2.35 -7.98
C GLU A 451 -20.00 -0.88 -8.34
N SER A 452 -19.55 -0.07 -7.39
CA SER A 452 -19.37 1.37 -7.63
C SER A 452 -18.08 1.51 -8.45
N MET A 453 -18.12 0.96 -9.66
CA MET A 453 -16.96 0.98 -10.54
C MET A 453 -17.41 0.90 -11.98
N ILE A 454 -16.72 1.61 -12.85
CA ILE A 454 -17.03 1.60 -14.27
C ILE A 454 -15.80 1.02 -14.98
N GLN A 455 -16.03 0.21 -16.00
CA GLN A 455 -14.91 -0.35 -16.74
C GLN A 455 -14.93 0.18 -18.16
N LEU A 456 -13.88 0.91 -18.53
CA LEU A 456 -13.80 1.48 -19.87
C LEU A 456 -13.47 0.51 -21.00
N PHE A 457 -12.92 -0.65 -20.67
CA PHE A 457 -12.58 -1.63 -21.71
C PHE A 457 -12.07 -2.97 -21.16
MG MG B . -4.72 2.42 3.34
P PO4 C . -1.71 1.69 1.92
O1 PO4 C . -2.68 1.83 3.04
O2 PO4 C . -2.27 2.31 0.70
O3 PO4 C . -0.44 2.38 2.29
O4 PO4 C . -1.44 0.26 1.68
P AMP D . 5.73 3.73 7.91
O1P AMP D . 4.93 3.40 9.16
O2P AMP D . 7.22 3.51 8.12
O3P AMP D . 5.18 3.03 6.69
O5' AMP D . 5.54 5.33 7.61
C5' AMP D . 6.32 5.99 6.58
C4' AMP D . 5.41 6.75 5.64
O4' AMP D . 4.47 5.83 5.01
C3' AMP D . 4.58 7.87 6.27
O3' AMP D . 4.70 9.09 5.53
C2' AMP D . 3.16 7.31 6.27
O2' AMP D . 2.15 8.30 6.13
C1' AMP D . 3.17 6.38 5.06
N9 AMP D . 2.23 5.29 5.25
C8 AMP D . 2.42 4.15 5.98
N7 AMP D . 1.38 3.35 6.00
C5 AMP D . 0.43 4.02 5.24
C6 AMP D . -0.89 3.71 4.88
N6 AMP D . -1.51 2.60 5.28
N1 AMP D . -1.54 4.59 4.10
C2 AMP D . -0.91 5.70 3.71
N3 AMP D . 0.32 6.11 3.99
C4 AMP D . 0.95 5.21 4.77
PB GDP E . -5.70 1.63 -0.19
O1B GDP E . -6.17 0.18 -0.23
O2B GDP E . -4.82 1.92 1.02
O3B GDP E . -5.08 2.11 -1.49
O3A GDP E . -7.05 2.53 0.00
PA GDP E . -7.71 2.84 1.45
O1A GDP E . -8.66 1.73 1.71
O2A GDP E . -6.53 3.01 2.34
O5' GDP E . -8.55 4.19 1.52
C5' GDP E . -9.29 4.65 0.39
C4' GDP E . -10.73 4.87 0.77
O4' GDP E . -11.46 5.40 -0.36
C3' GDP E . -11.46 3.62 1.23
O3' GDP E . -12.20 3.88 2.42
C2' GDP E . -12.34 3.25 0.04
O2' GDP E . -13.53 2.61 0.44
C1' GDP E . -12.61 4.62 -0.58
N9 GDP E . -12.84 4.58 -2.01
C8 GDP E . -12.13 3.87 -2.95
N7 GDP E . -12.55 4.08 -4.18
C5 GDP E . -13.60 4.98 -4.03
C6 GDP E . -14.44 5.59 -5.01
O6 GDP E . -14.43 5.45 -6.23
N1 GDP E . -15.38 6.43 -4.40
C2 GDP E . -15.49 6.66 -3.06
N2 GDP E . -16.48 7.49 -2.68
N3 GDP E . -14.71 6.11 -2.15
C4 GDP E . -13.79 5.29 -2.70
#